data_3VUM
#
_entry.id   3VUM
#
_cell.length_a   161.883
_cell.length_b   161.883
_cell.length_c   87.974
_cell.angle_alpha   90.00
_cell.angle_beta   90.00
_cell.angle_gamma   120.00
#
_symmetry.space_group_name_H-M   'P 63 2 2'
#
loop_
_entity.id
_entity.type
_entity.pdbx_description
1 polymer 'Mitogen-activated protein kinase 8'
2 polymer 'Peptide from C-Jun-amino-terminal kinase-interacting protein 1'
3 non-polymer 'SULFATE ION'
4 non-polymer 2-AMINO-2-HYDROXYMETHYL-PROPANE-1,3-DIOL
5 water water
#
loop_
_entity_poly.entity_id
_entity_poly.type
_entity_poly.pdbx_seq_one_letter_code
_entity_poly.pdbx_strand_id
1 'polypeptide(L)'
;MSRSKRDNNFYSVEIGDSTFTVLKRYQNLKPIGSGAQGIVVAAYDAILERNVAIKKLSRPFQNQTHAKRAYRELVLMKVV
NHKNIIGLLNVFTPQKSLEEFQDVYIVMELMDANLSQVIQMELDHERMSYLLYQMLVGIKHLHSAGIIHRDLKPSNIVVK
SDATLKILDFGLARTAGTSFMMTPYVVTRYYRAPEVILGMGYKENVDIWSVGVIMGEMIKGGVLFPGTDHIDQWNKVIEQ
LGTPSPEFMKKLQPTVRTYVENRPKYAGYSFEKLFPDVLFPADSEHNKLKASQARDLLSKMLVIDASKRISVDEALQHPY
INVWYDPSEAEAPPPKIPDKQLDEREHTIEEWKELIYKEVMDLEHHHHHH
;
A
2 'polypeptide(L)' RPKRPTTLNLF F
#
# COMPACT_ATOMS: atom_id res chain seq x y z
N ASP A 7 -3.90 -36.79 11.35
CA ASP A 7 -5.03 -36.90 12.33
C ASP A 7 -6.07 -35.76 12.24
N ASN A 8 -5.65 -34.55 12.60
CA ASN A 8 -6.60 -33.49 12.85
C ASN A 8 -6.53 -32.30 11.89
N ASN A 9 -5.76 -32.40 10.80
CA ASN A 9 -5.76 -31.30 9.75
C ASN A 9 -4.78 -30.15 10.01
N PHE A 10 -4.85 -29.63 11.22
CA PHE A 10 -3.95 -28.64 11.70
C PHE A 10 -2.80 -29.24 12.50
N TYR A 11 -1.90 -28.37 12.92
CA TYR A 11 -0.74 -28.71 13.70
C TYR A 11 -0.02 -27.40 14.01
N SER A 12 0.99 -27.52 14.85
CA SER A 12 1.47 -26.38 15.58
C SER A 12 2.92 -26.21 15.54
N VAL A 13 3.36 -24.97 15.32
CA VAL A 13 4.80 -24.69 15.21
C VAL A 13 5.08 -23.49 16.04
N GLU A 14 6.19 -23.53 16.74
CA GLU A 14 6.56 -22.40 17.56
C GLU A 14 7.60 -21.62 16.80
N ILE A 15 7.32 -20.34 16.58
CA ILE A 15 8.38 -19.55 16.01
C ILE A 15 8.67 -18.52 17.07
N GLY A 16 9.78 -18.77 17.78
CA GLY A 16 10.07 -18.03 18.98
C GLY A 16 8.85 -18.11 19.88
N ASP A 17 8.35 -16.97 20.30
CA ASP A 17 7.20 -16.99 21.21
C ASP A 17 5.86 -17.19 20.57
N SER A 18 5.81 -17.19 19.24
CA SER A 18 4.54 -17.25 18.56
C SER A 18 4.18 -18.66 18.16
N THR A 19 2.90 -18.99 18.25
CA THR A 19 2.45 -20.24 17.70
C THR A 19 1.70 -20.01 16.42
N PHE A 20 2.08 -20.73 15.38
CA PHE A 20 1.28 -20.86 14.14
C PHE A 20 0.65 -22.26 14.09
N THR A 21 -0.68 -22.24 14.14
CA THR A 21 -1.44 -23.49 14.03
C THR A 21 -2.09 -23.38 12.67
N VAL A 22 -1.65 -24.25 11.75
CA VAL A 22 -1.99 -24.16 10.33
C VAL A 22 -2.20 -25.55 9.71
N LEU A 23 -2.91 -25.57 8.58
CA LEU A 23 -3.16 -26.79 7.83
C LEU A 23 -1.85 -27.46 7.57
N LYS A 24 -1.84 -28.78 7.52
CA LYS A 24 -0.57 -29.51 7.39
C LYS A 24 0.08 -29.37 6.07
N ARG A 25 -0.63 -28.78 5.13
CA ARG A 25 -0.06 -28.59 3.81
C ARG A 25 1.09 -27.56 3.91
N TYR A 26 1.08 -26.77 4.99
CA TYR A 26 2.00 -25.65 5.08
C TYR A 26 3.15 -26.03 5.96
N GLN A 27 4.36 -25.99 5.40
CA GLN A 27 5.54 -26.52 6.08
C GLN A 27 6.74 -25.60 6.05
N ASN A 28 7.71 -25.96 6.86
CA ASN A 28 8.92 -25.18 6.98
C ASN A 28 8.71 -23.72 7.13
N LEU A 29 7.86 -23.30 8.06
CA LEU A 29 7.60 -21.88 8.19
C LEU A 29 8.89 -21.12 8.66
N LYS A 30 9.06 -19.87 8.22
CA LYS A 30 10.22 -18.99 8.57
C LYS A 30 9.57 -17.61 8.85
N PRO A 31 10.02 -16.85 9.87
CA PRO A 31 9.31 -15.56 10.04
C PRO A 31 9.70 -14.61 8.92
N ILE A 32 8.76 -13.86 8.36
CA ILE A 32 9.25 -12.88 7.40
C ILE A 32 8.97 -11.41 7.73
N GLY A 33 8.08 -11.11 8.67
CA GLY A 33 7.77 -9.71 8.98
C GLY A 33 6.49 -9.51 9.76
N SER A 34 6.09 -8.23 9.94
CA SER A 34 4.97 -7.83 10.81
C SER A 34 4.13 -6.77 10.17
N GLY A 35 3.75 -6.98 8.91
CA GLY A 35 2.79 -6.12 8.20
C GLY A 35 1.57 -5.70 9.04
N ALA A 36 1.65 -4.47 9.59
CA ALA A 36 0.64 -3.81 10.43
C ALA A 36 0.09 -4.63 11.60
N GLN A 37 -1.05 -5.27 11.32
CA GLN A 37 -1.92 -5.90 12.32
C GLN A 37 -1.79 -7.44 12.44
N GLY A 38 -0.60 -7.94 12.17
CA GLY A 38 -0.30 -9.33 12.42
C GLY A 38 1.15 -9.62 12.09
N ILE A 39 1.54 -10.85 12.27
CA ILE A 39 2.89 -11.29 11.98
C ILE A 39 2.85 -12.28 10.78
N VAL A 40 3.93 -12.40 10.06
CA VAL A 40 3.82 -13.06 8.84
C VAL A 40 4.93 -14.04 8.68
N VAL A 41 4.57 -15.21 8.16
CA VAL A 41 5.57 -16.19 7.85
C VAL A 41 5.61 -16.68 6.43
N ALA A 42 6.81 -16.93 5.92
CA ALA A 42 6.88 -17.72 4.68
C ALA A 42 6.65 -19.23 4.96
N ALA A 43 6.05 -19.96 4.01
CA ALA A 43 5.94 -21.42 4.12
C ALA A 43 5.97 -22.05 2.76
N TYR A 44 6.34 -23.33 2.76
CA TYR A 44 6.16 -24.23 1.65
C TYR A 44 4.77 -24.87 1.70
N ASP A 45 4.01 -24.77 0.63
CA ASP A 45 2.68 -25.36 0.53
C ASP A 45 2.88 -26.64 -0.22
N ALA A 46 2.68 -27.76 0.44
CA ALA A 46 3.05 -29.05 -0.20
C ALA A 46 2.01 -29.54 -1.23
N ILE A 47 0.77 -29.12 -1.12
CA ILE A 47 -0.20 -29.44 -2.15
C ILE A 47 0.00 -28.62 -3.47
N LEU A 48 0.04 -27.28 -3.41
CA LEU A 48 0.43 -26.46 -4.59
C LEU A 48 1.89 -26.58 -5.00
N GLU A 49 2.77 -27.01 -4.09
CA GLU A 49 4.21 -27.09 -4.35
C GLU A 49 4.84 -25.77 -4.69
N ARG A 50 4.88 -24.87 -3.72
CA ARG A 50 4.79 -23.43 -3.96
C ARG A 50 5.12 -22.74 -2.65
N ASN A 51 5.92 -21.67 -2.72
CA ASN A 51 6.12 -20.77 -1.56
C ASN A 51 4.87 -19.96 -1.37
N VAL A 52 4.49 -19.64 -0.12
CA VAL A 52 3.34 -18.77 0.17
C VAL A 52 3.72 -17.96 1.39
N ALA A 53 2.89 -16.96 1.71
CA ALA A 53 3.07 -16.24 2.97
C ALA A 53 1.77 -16.41 3.78
N ILE A 54 1.89 -16.50 5.12
CA ILE A 54 0.77 -16.77 5.98
C ILE A 54 0.75 -15.72 7.03
N LYS A 55 -0.32 -14.95 7.08
CA LYS A 55 -0.35 -13.87 8.02
C LYS A 55 -1.28 -14.30 9.11
N LYS A 56 -0.87 -14.20 10.37
CA LYS A 56 -1.78 -14.54 11.47
C LYS A 56 -2.35 -13.29 12.13
N LEU A 57 -3.68 -13.23 12.20
CA LEU A 57 -4.36 -12.23 13.03
C LEU A 57 -4.81 -12.90 14.34
N SER A 58 -4.15 -12.56 15.46
CA SER A 58 -4.41 -13.15 16.79
C SER A 58 -5.58 -12.45 17.43
N ARG A 59 -6.55 -13.21 17.96
CA ARG A 59 -7.82 -12.59 18.45
C ARG A 59 -8.08 -11.17 17.87
N PRO A 60 -8.33 -11.11 16.57
CA PRO A 60 -8.54 -9.84 15.90
C PRO A 60 -9.75 -9.09 16.43
N PHE A 61 -10.63 -9.79 17.17
CA PHE A 61 -11.88 -9.18 17.67
C PHE A 61 -11.71 -8.53 19.03
N GLN A 62 -10.48 -8.52 19.53
CA GLN A 62 -10.16 -7.99 20.84
C GLN A 62 -10.65 -6.56 21.04
N ASN A 63 -10.69 -5.76 19.98
CA ASN A 63 -10.95 -4.34 20.17
C ASN A 63 -11.44 -3.60 18.93
N GLN A 64 -12.10 -2.48 19.15
CA GLN A 64 -12.75 -1.71 18.09
C GLN A 64 -11.87 -1.56 16.84
N THR A 65 -10.72 -0.89 17.01
CA THR A 65 -9.68 -0.71 15.99
C THR A 65 -9.41 -1.99 15.18
N HIS A 66 -8.76 -2.99 15.81
CA HIS A 66 -8.38 -4.27 15.17
C HIS A 66 -9.48 -4.96 14.41
N ALA A 67 -10.70 -4.98 14.96
CA ALA A 67 -11.81 -5.72 14.39
C ALA A 67 -12.25 -5.11 13.06
N LYS A 68 -12.40 -3.79 13.04
CA LYS A 68 -12.73 -3.02 11.85
C LYS A 68 -11.71 -3.43 10.74
N ARG A 69 -10.43 -3.29 11.07
CA ARG A 69 -9.32 -3.54 10.17
C ARG A 69 -9.30 -4.96 9.65
N ALA A 70 -9.43 -5.91 10.55
CA ALA A 70 -9.38 -7.31 10.19
C ALA A 70 -10.56 -7.58 9.26
N TYR A 71 -11.72 -7.05 9.68
CA TYR A 71 -12.92 -7.18 8.89
C TYR A 71 -12.73 -6.62 7.46
N ARG A 72 -12.27 -5.37 7.35
CA ARG A 72 -12.01 -4.73 6.05
C ARG A 72 -11.09 -5.60 5.21
N GLU A 73 -10.05 -6.12 5.85
CA GLU A 73 -9.00 -6.82 5.17
C GLU A 73 -9.57 -8.18 4.66
N LEU A 74 -10.48 -8.74 5.44
CA LEU A 74 -11.09 -10.01 5.11
C LEU A 74 -12.00 -9.90 3.91
N VAL A 75 -12.91 -8.96 3.97
CA VAL A 75 -13.85 -8.71 2.88
C VAL A 75 -13.17 -8.33 1.55
N LEU A 76 -12.18 -7.46 1.62
CA LEU A 76 -11.61 -6.96 0.41
C LEU A 76 -10.69 -8.00 -0.22
N MET A 77 -9.90 -8.70 0.60
CA MET A 77 -9.04 -9.77 0.08
C MET A 77 -9.89 -10.74 -0.74
N LYS A 78 -11.13 -10.97 -0.33
CA LYS A 78 -11.97 -11.84 -1.09
C LYS A 78 -12.47 -11.18 -2.35
N VAL A 79 -12.93 -9.95 -2.23
CA VAL A 79 -13.72 -9.41 -3.27
C VAL A 79 -12.84 -8.69 -4.32
N VAL A 80 -11.55 -8.53 -4.04
CA VAL A 80 -10.69 -7.78 -4.93
C VAL A 80 -9.63 -8.64 -5.55
N ASN A 81 -9.67 -8.83 -6.86
CA ASN A 81 -8.67 -9.64 -7.54
C ASN A 81 -8.14 -8.88 -8.76
N HIS A 82 -6.81 -8.72 -8.89
CA HIS A 82 -6.15 -7.92 -9.93
C HIS A 82 -4.65 -8.21 -9.95
N LYS A 83 -3.98 -8.09 -11.11
CA LYS A 83 -2.54 -8.49 -11.16
C LYS A 83 -1.62 -7.68 -10.25
N ASN A 84 -2.10 -6.57 -9.72
CA ASN A 84 -1.20 -5.64 -9.07
C ASN A 84 -1.61 -5.46 -7.61
N ILE A 85 -2.61 -6.24 -7.19
CA ILE A 85 -3.01 -6.38 -5.79
C ILE A 85 -2.61 -7.79 -5.34
N ILE A 86 -2.01 -7.94 -4.16
CA ILE A 86 -1.53 -9.29 -3.74
C ILE A 86 -2.61 -10.43 -3.87
N GLY A 87 -2.20 -11.60 -4.38
CA GLY A 87 -3.09 -12.75 -4.51
C GLY A 87 -3.42 -13.49 -3.21
N LEU A 88 -4.72 -13.56 -2.92
CA LEU A 88 -5.33 -14.43 -1.92
C LEU A 88 -5.27 -15.96 -2.30
N LEU A 89 -4.78 -16.85 -1.43
CA LEU A 89 -4.69 -18.33 -1.76
C LEU A 89 -5.57 -19.22 -0.85
N ASN A 90 -5.82 -18.74 0.36
CA ASN A 90 -6.52 -19.53 1.34
C ASN A 90 -6.74 -18.72 2.59
N VAL A 91 -7.88 -18.94 3.25
CA VAL A 91 -8.07 -18.48 4.62
C VAL A 91 -8.68 -19.53 5.55
N PHE A 92 -8.24 -19.50 6.81
CA PHE A 92 -8.71 -20.46 7.75
C PHE A 92 -8.57 -20.10 9.21
N THR A 93 -9.29 -20.82 10.05
CA THR A 93 -9.03 -20.81 11.49
C THR A 93 -8.96 -22.25 11.95
N PRO A 94 -8.10 -22.54 12.91
CA PRO A 94 -7.98 -23.90 13.42
C PRO A 94 -8.98 -24.25 14.53
N GLN A 95 -9.56 -23.25 15.19
CA GLN A 95 -10.62 -23.50 16.17
C GLN A 95 -11.91 -24.02 15.50
N LYS A 96 -12.59 -24.97 16.15
CA LYS A 96 -13.77 -25.60 15.56
C LYS A 96 -15.14 -24.86 15.73
N SER A 97 -15.20 -23.66 16.33
CA SER A 97 -16.52 -23.02 16.46
C SER A 97 -16.45 -21.55 16.84
N LEU A 98 -17.57 -20.84 16.71
CA LEU A 98 -17.68 -19.47 17.20
C LEU A 98 -17.29 -19.38 18.67
N GLU A 99 -17.63 -20.43 19.40
CA GLU A 99 -17.33 -20.54 20.80
C GLU A 99 -15.83 -20.38 20.96
N GLU A 100 -15.13 -21.36 20.40
CA GLU A 100 -13.72 -21.65 20.55
C GLU A 100 -12.79 -20.70 19.71
N PHE A 101 -13.36 -19.93 18.78
CA PHE A 101 -12.65 -19.10 17.76
C PHE A 101 -11.68 -18.04 18.30
N GLN A 102 -10.46 -18.03 17.79
CA GLN A 102 -9.42 -17.12 18.29
C GLN A 102 -8.71 -16.36 17.16
N ASP A 103 -8.22 -17.13 16.20
CA ASP A 103 -7.26 -16.64 15.22
C ASP A 103 -7.72 -16.81 13.81
N VAL A 104 -7.29 -15.88 12.97
CA VAL A 104 -7.51 -16.04 11.53
C VAL A 104 -6.17 -16.13 10.81
N TYR A 105 -6.08 -17.05 9.87
CA TYR A 105 -4.90 -17.14 9.03
C TYR A 105 -5.24 -16.78 7.60
N ILE A 106 -4.46 -15.88 6.99
CA ILE A 106 -4.65 -15.52 5.57
C ILE A 106 -3.45 -15.95 4.78
N VAL A 107 -3.64 -16.85 3.82
CA VAL A 107 -2.53 -17.31 3.00
C VAL A 107 -2.53 -16.60 1.66
N MET A 108 -1.33 -16.13 1.25
CA MET A 108 -1.14 -15.21 0.14
C MET A 108 0.01 -15.64 -0.70
N GLU A 109 0.13 -15.10 -1.90
CA GLU A 109 1.39 -15.33 -2.60
C GLU A 109 2.56 -14.68 -1.94
N LEU A 110 3.71 -15.28 -2.13
CA LEU A 110 4.93 -14.78 -1.55
C LEU A 110 5.69 -14.04 -2.65
N MET A 111 5.85 -12.73 -2.51
CA MET A 111 6.70 -12.01 -3.49
C MET A 111 8.16 -12.05 -3.04
N ASP A 112 9.08 -11.37 -3.72
CA ASP A 112 10.51 -11.49 -3.45
C ASP A 112 10.99 -10.39 -2.55
N ALA A 113 10.41 -9.18 -2.66
CA ALA A 113 10.98 -8.07 -1.88
C ALA A 113 9.99 -6.96 -1.71
N ASN A 114 10.26 -6.03 -0.78
CA ASN A 114 9.40 -4.86 -0.79
C ASN A 114 10.13 -3.63 -1.36
N LEU A 115 9.37 -2.59 -1.64
CA LEU A 115 9.89 -1.45 -2.38
C LEU A 115 11.07 -0.80 -1.68
N SER A 116 11.06 -0.84 -0.36
CA SER A 116 12.17 -0.28 0.38
C SER A 116 13.51 -0.78 -0.24
N GLN A 117 13.52 -1.98 -0.81
CA GLN A 117 14.71 -2.50 -1.40
C GLN A 117 14.99 -1.87 -2.76
N VAL A 118 13.92 -1.60 -3.48
CA VAL A 118 14.05 -1.09 -4.82
C VAL A 118 14.59 0.34 -4.73
N ILE A 119 14.10 1.10 -3.75
CA ILE A 119 14.56 2.43 -3.54
C ILE A 119 16.08 2.46 -3.38
N GLN A 120 16.62 1.42 -2.82
CA GLN A 120 18.00 1.49 -2.47
C GLN A 120 18.82 1.38 -3.77
N MET A 121 18.23 0.88 -4.84
CA MET A 121 19.04 0.44 -5.99
C MET A 121 18.96 1.36 -7.19
N GLU A 122 19.91 1.27 -8.11
CA GLU A 122 19.96 2.22 -9.24
C GLU A 122 19.04 1.72 -10.36
N LEU A 123 17.89 2.34 -10.57
CA LEU A 123 17.01 1.91 -11.65
C LEU A 123 17.14 2.78 -12.86
N ASP A 124 16.76 2.23 -13.97
CA ASP A 124 16.67 2.97 -15.21
C ASP A 124 15.26 3.46 -15.34
N HIS A 125 14.99 4.26 -16.35
CA HIS A 125 13.71 4.91 -16.49
C HIS A 125 12.63 3.95 -16.78
N GLU A 126 12.90 2.89 -17.53
CA GLU A 126 11.77 2.00 -17.82
C GLU A 126 11.36 1.26 -16.57
N ARG A 127 12.34 0.89 -15.75
CA ARG A 127 11.97 0.26 -14.47
C ARG A 127 11.17 1.13 -13.53
N MET A 128 11.59 2.38 -13.30
CA MET A 128 10.85 3.24 -12.32
C MET A 128 9.48 3.46 -12.80
N SER A 129 9.41 3.72 -14.09
CA SER A 129 8.19 4.18 -14.69
C SER A 129 7.23 3.04 -14.63
N TYR A 130 7.70 1.88 -15.05
CA TYR A 130 6.91 0.70 -15.06
C TYR A 130 6.46 0.32 -13.66
N LEU A 131 7.37 0.44 -12.67
CA LEU A 131 6.91 0.16 -11.31
C LEU A 131 5.83 1.11 -10.87
N LEU A 132 6.01 2.40 -11.14
CA LEU A 132 5.01 3.44 -10.78
C LEU A 132 3.71 3.20 -11.55
N TYR A 133 3.84 2.82 -12.81
CA TYR A 133 2.65 2.51 -13.62
C TYR A 133 1.85 1.42 -12.90
N GLN A 134 2.52 0.30 -12.62
CA GLN A 134 1.94 -0.76 -11.77
C GLN A 134 1.30 -0.29 -10.47
N MET A 135 1.94 0.61 -9.69
CA MET A 135 1.28 1.10 -8.45
C MET A 135 -0.02 1.74 -8.83
N LEU A 136 0.06 2.57 -9.86
CA LEU A 136 -1.08 3.42 -10.20
C LEU A 136 -2.25 2.58 -10.70
N VAL A 137 -1.96 1.60 -11.53
CA VAL A 137 -3.02 0.73 -12.02
C VAL A 137 -3.66 -0.07 -10.88
N GLY A 138 -2.86 -0.56 -9.96
CA GLY A 138 -3.41 -1.15 -8.74
C GLY A 138 -4.29 -0.20 -7.96
N ILE A 139 -3.77 1.01 -7.71
CA ILE A 139 -4.57 1.98 -6.99
C ILE A 139 -5.88 2.28 -7.74
N LYS A 140 -5.86 2.30 -9.06
CA LYS A 140 -7.04 2.73 -9.79
C LYS A 140 -8.09 1.64 -9.65
N HIS A 141 -7.63 0.41 -9.59
CA HIS A 141 -8.55 -0.69 -9.43
C HIS A 141 -9.29 -0.54 -8.13
N LEU A 142 -8.55 -0.35 -7.03
CA LEU A 142 -9.20 -0.06 -5.73
C LEU A 142 -10.15 1.15 -5.76
N HIS A 143 -9.69 2.27 -6.31
CA HIS A 143 -10.54 3.41 -6.31
C HIS A 143 -11.83 3.16 -7.09
N SER A 144 -11.81 2.28 -8.11
CA SER A 144 -13.00 2.15 -8.96
C SER A 144 -14.14 1.55 -8.16
N ALA A 145 -13.79 1.03 -6.99
CA ALA A 145 -14.74 0.43 -6.11
C ALA A 145 -14.99 1.38 -4.93
N GLY A 146 -14.45 2.60 -5.01
CA GLY A 146 -14.49 3.56 -3.89
C GLY A 146 -13.69 3.11 -2.65
N ILE A 147 -12.68 2.27 -2.84
CA ILE A 147 -11.77 1.99 -1.75
C ILE A 147 -10.56 2.91 -1.83
N ILE A 148 -10.29 3.58 -0.73
CA ILE A 148 -9.17 4.48 -0.66
C ILE A 148 -8.12 3.92 0.29
N HIS A 149 -6.91 3.72 -0.18
CA HIS A 149 -5.98 2.95 0.64
C HIS A 149 -5.43 3.64 1.86
N ARG A 150 -5.04 4.90 1.70
CA ARG A 150 -4.68 5.79 2.80
C ARG A 150 -3.39 5.47 3.49
N ASP A 151 -2.73 4.38 3.11
CA ASP A 151 -1.58 3.93 3.87
C ASP A 151 -0.46 3.36 3.03
N LEU A 152 -0.41 3.76 1.77
CA LEU A 152 0.58 3.17 0.88
C LEU A 152 1.96 3.61 1.29
N LYS A 153 2.88 2.65 1.35
CA LYS A 153 4.26 2.98 1.62
C LYS A 153 5.17 1.85 1.14
N PRO A 154 6.49 2.01 1.26
CA PRO A 154 7.34 0.98 0.70
C PRO A 154 7.09 -0.37 1.30
N SER A 155 6.68 -0.42 2.55
CA SER A 155 6.74 -1.72 3.23
C SER A 155 5.51 -2.55 2.93
N ASN A 156 4.45 -1.89 2.46
CA ASN A 156 3.29 -2.61 1.95
C ASN A 156 3.10 -2.61 0.40
N ILE A 157 4.20 -2.48 -0.34
CA ILE A 157 4.22 -2.69 -1.77
C ILE A 157 5.37 -3.62 -2.09
N VAL A 158 5.11 -4.70 -2.83
CA VAL A 158 6.11 -5.77 -3.05
C VAL A 158 6.31 -6.04 -4.52
N VAL A 159 7.54 -6.46 -4.85
CA VAL A 159 8.00 -6.66 -6.20
C VAL A 159 8.57 -8.07 -6.34
N LYS A 160 8.72 -8.56 -7.57
CA LYS A 160 9.25 -9.90 -7.90
C LYS A 160 10.44 -9.68 -8.80
N SER A 161 11.25 -10.71 -9.03
CA SER A 161 12.43 -10.56 -9.85
C SER A 161 12.08 -10.50 -11.29
N ASP A 162 10.81 -10.67 -11.67
CA ASP A 162 10.40 -10.50 -13.05
C ASP A 162 9.83 -9.08 -13.28
N ALA A 163 10.07 -8.22 -12.29
CA ALA A 163 9.63 -6.81 -12.25
C ALA A 163 8.15 -6.59 -12.08
N THR A 164 7.42 -7.59 -11.59
CA THR A 164 6.01 -7.33 -11.26
C THR A 164 5.85 -6.68 -9.86
N LEU A 165 4.71 -6.03 -9.61
CA LEU A 165 4.57 -5.28 -8.40
C LEU A 165 3.16 -5.50 -7.95
N LYS A 166 2.97 -5.71 -6.65
CA LYS A 166 1.63 -5.91 -6.13
C LYS A 166 1.53 -5.10 -4.85
N ILE A 167 0.38 -4.52 -4.61
CA ILE A 167 0.09 -3.83 -3.37
C ILE A 167 -0.51 -4.80 -2.36
N LEU A 168 -0.06 -4.77 -1.10
CA LEU A 168 -0.81 -5.45 -0.08
C LEU A 168 -1.43 -4.52 0.90
N ASP A 169 -2.30 -5.08 1.74
CA ASP A 169 -3.03 -4.25 2.75
C ASP A 169 -4.19 -3.46 2.21
N PHE A 170 -5.29 -3.65 2.91
CA PHE A 170 -6.37 -2.72 3.02
C PHE A 170 -6.89 -2.92 4.48
N GLY A 171 -5.94 -3.21 5.38
CA GLY A 171 -6.13 -3.11 6.83
C GLY A 171 -6.53 -1.70 7.23
N LEU A 172 -5.96 -0.70 6.54
CA LEU A 172 -6.28 0.72 6.78
C LEU A 172 -7.24 1.30 5.74
N ALA A 173 -7.36 0.58 4.62
CA ALA A 173 -8.26 0.90 3.49
C ALA A 173 -9.80 0.93 3.75
N ARG A 174 -10.40 2.10 3.45
CA ARG A 174 -11.84 2.44 3.69
C ARG A 174 -12.62 2.73 2.38
N ARG A 189 6.08 7.94 8.60
CA ARG A 189 4.79 8.66 8.54
C ARG A 189 4.54 9.68 7.38
N TYR A 190 5.57 10.27 6.76
CA TYR A 190 5.31 11.30 5.68
C TYR A 190 4.70 10.70 4.38
N TYR A 191 4.57 9.36 4.34
CA TYR A 191 3.83 8.71 3.28
C TYR A 191 2.37 9.06 3.26
N ARG A 192 1.75 9.27 4.43
CA ARG A 192 0.32 9.65 4.48
C ARG A 192 0.13 11.07 4.00
N ALA A 193 -0.96 11.27 3.28
CA ALA A 193 -1.31 12.57 2.76
C ALA A 193 -1.55 13.57 3.89
N PRO A 194 -1.06 14.79 3.71
CA PRO A 194 -1.28 15.85 4.68
C PRO A 194 -2.76 15.97 5.07
N GLU A 195 -3.67 15.97 4.11
CA GLU A 195 -5.10 15.97 4.45
C GLU A 195 -5.47 14.85 5.44
N VAL A 196 -4.81 13.70 5.38
CA VAL A 196 -5.08 12.62 6.34
C VAL A 196 -4.56 13.03 7.69
N ILE A 197 -3.24 13.18 7.82
CA ILE A 197 -2.60 13.67 9.04
C ILE A 197 -3.09 15.02 9.63
N LEU A 198 -4.01 15.73 8.99
CA LEU A 198 -4.50 16.96 9.59
C LEU A 198 -6.01 16.87 9.76
N GLY A 199 -6.52 15.65 9.83
CA GLY A 199 -7.96 15.37 9.95
C GLY A 199 -8.81 16.21 9.01
N MET A 200 -8.37 16.32 7.77
CA MET A 200 -8.92 17.31 6.90
C MET A 200 -10.10 16.88 6.07
N GLY A 201 -10.35 15.57 5.96
CA GLY A 201 -11.39 15.15 5.01
C GLY A 201 -10.75 15.07 3.62
N TYR A 202 -11.11 14.06 2.83
CA TYR A 202 -10.23 13.64 1.74
C TYR A 202 -10.89 12.88 0.61
N LYS A 203 -10.26 12.90 -0.56
CA LYS A 203 -10.78 12.16 -1.68
C LYS A 203 -9.74 11.13 -2.11
N GLU A 204 -9.97 10.54 -3.28
CA GLU A 204 -9.18 9.39 -3.75
C GLU A 204 -7.72 9.75 -3.96
N ASN A 205 -7.46 11.00 -4.37
CA ASN A 205 -6.09 11.40 -4.71
C ASN A 205 -5.21 11.51 -3.45
N VAL A 206 -5.82 11.19 -2.32
CA VAL A 206 -5.08 10.97 -1.14
C VAL A 206 -3.93 10.01 -1.46
N ASP A 207 -4.15 9.07 -2.38
CA ASP A 207 -3.16 8.00 -2.62
C ASP A 207 -2.07 8.49 -3.52
N ILE A 208 -2.40 9.50 -4.35
CA ILE A 208 -1.37 10.14 -5.19
C ILE A 208 -0.21 10.78 -4.40
N TRP A 209 -0.54 11.42 -3.29
CA TRP A 209 0.55 11.96 -2.45
C TRP A 209 1.55 10.88 -2.14
N SER A 210 1.05 9.72 -1.68
CA SER A 210 1.93 8.62 -1.33
C SER A 210 2.82 8.19 -2.46
N VAL A 211 2.24 8.17 -3.66
CA VAL A 211 3.02 7.74 -4.85
C VAL A 211 4.10 8.80 -5.13
N GLY A 212 3.76 10.07 -4.87
CA GLY A 212 4.69 11.18 -5.08
C GLY A 212 5.85 10.95 -4.16
N VAL A 213 5.56 10.69 -2.90
CA VAL A 213 6.65 10.46 -1.96
C VAL A 213 7.51 9.25 -2.38
N ILE A 214 6.88 8.15 -2.83
CA ILE A 214 7.61 6.93 -3.10
C ILE A 214 8.46 7.15 -4.34
N MET A 215 7.87 7.83 -5.34
CA MET A 215 8.62 8.16 -6.58
C MET A 215 9.89 8.97 -6.27
N GLY A 216 9.68 10.07 -5.53
CA GLY A 216 10.76 10.91 -5.07
C GLY A 216 11.82 10.11 -4.38
N GLU A 217 11.36 9.26 -3.48
CA GLU A 217 12.25 8.37 -2.76
C GLU A 217 13.03 7.39 -3.74
N MET A 218 12.34 6.85 -4.74
CA MET A 218 13.05 6.05 -5.74
C MET A 218 14.10 6.84 -6.47
N ILE A 219 13.88 8.12 -6.67
CA ILE A 219 14.84 8.91 -7.42
C ILE A 219 15.99 9.26 -6.51
N LYS A 220 15.70 9.84 -5.34
CA LYS A 220 16.69 10.23 -4.33
C LYS A 220 17.55 9.01 -3.91
N GLY A 221 16.95 7.85 -3.71
CA GLY A 221 17.71 6.69 -3.29
C GLY A 221 17.66 6.48 -1.78
N GLY A 222 16.75 7.18 -1.11
CA GLY A 222 16.66 7.10 0.32
C GLY A 222 15.58 8.03 0.77
N VAL A 223 15.40 8.16 2.08
CA VAL A 223 14.40 9.03 2.67
C VAL A 223 14.27 10.46 2.05
N LEU A 224 13.02 10.83 1.74
CA LEU A 224 12.74 12.05 1.03
C LEU A 224 12.84 13.26 1.95
N PHE A 225 12.19 13.15 3.10
CA PHE A 225 12.21 14.23 4.07
C PHE A 225 12.90 13.70 5.34
N PRO A 226 14.25 13.88 5.43
CA PRO A 226 14.99 13.32 6.60
C PRO A 226 14.55 13.90 8.00
N GLY A 227 14.40 13.02 9.01
CA GLY A 227 13.99 13.37 10.40
C GLY A 227 15.00 14.16 11.26
N THR A 228 15.14 13.85 12.55
CA THR A 228 14.70 12.62 13.19
C THR A 228 13.34 12.75 13.90
N ASP A 229 12.32 12.06 13.35
CA ASP A 229 10.98 11.77 13.97
C ASP A 229 9.72 11.99 13.09
N HIS A 230 8.63 11.31 13.49
CA HIS A 230 7.33 11.28 12.80
C HIS A 230 6.65 12.64 12.56
N ILE A 231 7.18 13.72 13.17
CA ILE A 231 6.58 15.09 13.05
C ILE A 231 7.61 16.17 12.62
N ASP A 232 8.87 15.75 12.56
CA ASP A 232 9.95 16.48 11.91
C ASP A 232 9.86 16.14 10.41
N GLN A 233 9.04 15.13 10.09
CA GLN A 233 8.43 15.02 8.78
C GLN A 233 8.05 16.47 8.42
N TRP A 234 6.96 16.93 9.03
CA TRP A 234 6.15 17.99 8.48
C TRP A 234 7.06 19.13 8.13
N ASN A 235 7.90 19.51 9.09
CA ASN A 235 8.69 20.70 8.95
C ASN A 235 9.63 20.62 7.75
N LYS A 236 10.29 19.46 7.59
CA LYS A 236 11.17 19.25 6.45
C LYS A 236 10.37 19.28 5.14
N VAL A 237 9.10 18.88 5.23
CA VAL A 237 8.22 18.89 4.11
C VAL A 237 7.95 20.30 3.64
N ILE A 238 7.55 21.18 4.57
CA ILE A 238 7.14 22.52 4.15
C ILE A 238 8.40 23.28 3.81
N GLU A 239 9.48 22.93 4.48
CA GLU A 239 10.77 23.57 4.16
C GLU A 239 11.19 23.25 2.71
N GLN A 240 10.75 22.08 2.25
CA GLN A 240 11.17 21.52 0.98
C GLN A 240 10.15 21.93 -0.09
N LEU A 241 8.87 21.70 0.17
CA LEU A 241 7.83 22.06 -0.78
C LEU A 241 7.40 23.50 -0.75
N GLY A 242 7.61 24.19 0.38
CA GLY A 242 7.06 25.55 0.53
C GLY A 242 5.83 25.45 1.43
N THR A 243 5.46 26.53 2.09
CA THR A 243 4.32 26.56 2.96
C THR A 243 3.15 26.64 2.04
N PRO A 244 2.05 25.96 2.38
CA PRO A 244 0.90 25.98 1.46
C PRO A 244 0.11 27.30 1.53
N SER A 245 -0.80 27.52 0.58
CA SER A 245 -1.46 28.79 0.39
C SER A 245 -2.43 29.14 1.54
N PRO A 246 -2.86 30.42 1.61
CA PRO A 246 -3.90 30.86 2.53
C PRO A 246 -5.24 30.06 2.46
N GLU A 247 -5.88 30.05 1.29
CA GLU A 247 -7.05 29.19 1.06
C GLU A 247 -6.87 27.78 1.64
N PHE A 248 -5.68 27.22 1.50
CA PHE A 248 -5.47 25.87 1.97
C PHE A 248 -5.46 25.88 3.47
N MET A 249 -4.82 26.91 4.02
CA MET A 249 -4.75 27.12 5.47
C MET A 249 -6.17 27.25 6.00
N LYS A 250 -6.96 28.13 5.35
CA LYS A 250 -8.38 28.34 5.65
C LYS A 250 -9.09 27.00 5.89
N LYS A 251 -9.00 26.09 4.92
CA LYS A 251 -9.68 24.79 4.99
C LYS A 251 -9.44 23.98 6.26
N LEU A 252 -8.43 24.34 7.04
CA LEU A 252 -8.06 23.50 8.19
C LEU A 252 -9.02 23.67 9.38
N GLN A 253 -9.02 22.66 10.27
CA GLN A 253 -9.73 22.74 11.56
C GLN A 253 -9.18 23.91 12.37
N PRO A 254 -10.04 24.93 12.66
CA PRO A 254 -9.60 26.20 13.28
C PRO A 254 -8.43 26.02 14.28
N THR A 255 -8.56 25.03 15.14
CA THR A 255 -7.55 24.72 16.14
C THR A 255 -6.23 24.24 15.54
N VAL A 256 -6.30 23.22 14.67
CA VAL A 256 -5.09 22.67 13.99
C VAL A 256 -4.42 23.69 13.04
N ARG A 257 -5.24 24.52 12.39
CA ARG A 257 -4.81 25.72 11.67
C ARG A 257 -3.71 26.47 12.40
N THR A 258 -4.06 27.11 13.50
CA THR A 258 -3.11 27.93 14.23
C THR A 258 -1.77 27.20 14.59
N TYR A 259 -1.74 25.86 14.71
CA TYR A 259 -0.42 25.16 14.75
C TYR A 259 0.34 25.41 13.43
N VAL A 260 -0.31 25.00 12.34
CA VAL A 260 0.29 25.06 11.01
C VAL A 260 0.62 26.51 10.64
N GLU A 261 -0.32 27.42 10.87
CA GLU A 261 -0.15 28.81 10.52
C GLU A 261 0.98 29.47 11.29
N ASN A 262 1.62 28.74 12.20
CA ASN A 262 2.62 29.32 13.09
C ASN A 262 4.03 29.18 12.63
N ARG A 263 4.45 27.94 12.39
CA ARG A 263 5.69 27.61 11.67
C ARG A 263 6.37 28.77 10.92
N PRO A 264 7.70 28.82 10.97
CA PRO A 264 8.27 29.77 9.99
C PRO A 264 7.73 29.50 8.54
N LYS A 265 7.61 30.52 7.72
CA LYS A 265 7.01 30.31 6.42
C LYS A 265 8.14 30.05 5.40
N TYR A 266 8.01 29.06 4.48
CA TYR A 266 9.07 28.91 3.45
C TYR A 266 8.62 29.00 2.02
N ALA A 267 9.53 29.46 1.18
CA ALA A 267 9.28 29.48 -0.24
C ALA A 267 9.23 28.09 -0.86
N GLY A 268 10.00 27.15 -0.32
CA GLY A 268 10.23 25.89 -1.01
C GLY A 268 11.26 26.03 -2.13
N TYR A 269 11.53 24.93 -2.81
CA TYR A 269 12.46 24.93 -3.89
C TYR A 269 11.75 24.44 -5.14
N SER A 270 12.20 24.88 -6.30
CA SER A 270 11.70 24.29 -7.53
C SER A 270 12.00 22.73 -7.58
N PHE A 271 11.30 22.04 -8.48
CA PHE A 271 11.59 20.66 -8.66
C PHE A 271 12.91 20.42 -9.33
N GLU A 272 13.36 21.39 -10.13
CA GLU A 272 14.70 21.29 -10.73
C GLU A 272 15.71 21.28 -9.59
N LYS A 273 15.47 22.01 -8.52
CA LYS A 273 16.47 22.06 -7.50
C LYS A 273 16.34 20.89 -6.52
N LEU A 274 15.11 20.47 -6.26
CA LEU A 274 14.87 19.30 -5.41
C LEU A 274 15.20 17.97 -6.11
N PHE A 275 14.96 17.90 -7.42
CA PHE A 275 15.31 16.69 -8.12
C PHE A 275 16.13 17.00 -9.37
N PRO A 276 17.42 17.32 -9.17
CA PRO A 276 18.25 17.71 -10.31
C PRO A 276 18.63 16.49 -11.11
N ASP A 277 18.98 16.71 -12.39
CA ASP A 277 19.41 15.63 -13.31
C ASP A 277 20.38 14.60 -12.73
N VAL A 278 21.29 15.06 -11.89
CA VAL A 278 22.34 14.19 -11.44
C VAL A 278 21.72 12.96 -10.78
N LEU A 279 20.56 13.14 -10.13
CA LEU A 279 19.90 12.06 -9.39
C LEU A 279 19.26 11.00 -10.30
N PHE A 280 19.04 11.32 -11.56
CA PHE A 280 18.36 10.44 -12.47
C PHE A 280 19.29 9.54 -13.28
N PRO A 281 18.76 8.39 -13.72
CA PRO A 281 19.55 7.61 -14.69
C PRO A 281 19.69 8.43 -16.02
N ALA A 282 20.57 7.99 -16.90
CA ALA A 282 20.66 8.56 -18.27
C ALA A 282 19.27 8.58 -18.88
N ASP A 283 18.97 9.58 -19.69
CA ASP A 283 17.69 9.59 -20.37
C ASP A 283 17.60 8.36 -21.24
N SER A 284 16.40 7.89 -21.49
CA SER A 284 16.36 6.72 -22.31
C SER A 284 16.14 7.09 -23.77
N GLU A 285 16.43 6.11 -24.63
CA GLU A 285 16.12 6.14 -26.05
C GLU A 285 14.71 6.69 -26.35
N HIS A 286 13.77 6.39 -25.44
CA HIS A 286 12.33 6.72 -25.62
C HIS A 286 12.00 8.11 -25.21
N ASN A 287 11.35 8.83 -26.11
CA ASN A 287 11.12 10.23 -25.96
C ASN A 287 10.64 10.66 -24.59
N LYS A 288 9.63 9.95 -24.08
CA LYS A 288 8.87 10.42 -22.92
C LYS A 288 9.52 10.03 -21.56
N LEU A 289 10.51 9.16 -21.61
CA LEU A 289 11.16 8.64 -20.47
C LEU A 289 12.42 9.41 -20.21
N LYS A 290 12.23 10.61 -19.66
CA LYS A 290 13.35 11.50 -19.37
C LYS A 290 13.15 12.21 -18.06
N ALA A 291 14.27 12.63 -17.48
CA ALA A 291 14.24 13.43 -16.26
C ALA A 291 13.19 14.52 -16.29
N SER A 292 13.08 15.27 -17.38
CA SER A 292 12.18 16.40 -17.31
C SER A 292 10.72 15.97 -17.20
N GLN A 293 10.38 14.80 -17.77
CA GLN A 293 8.99 14.32 -17.67
C GLN A 293 8.76 13.76 -16.27
N ALA A 294 9.71 12.99 -15.75
CA ALA A 294 9.53 12.46 -14.40
C ALA A 294 9.36 13.59 -13.42
N ARG A 295 10.22 14.57 -13.54
CA ARG A 295 10.16 15.73 -12.64
C ARG A 295 8.76 16.42 -12.79
N ASP A 296 8.33 16.62 -14.02
CA ASP A 296 6.99 17.16 -14.22
C ASP A 296 5.94 16.36 -13.45
N LEU A 297 5.89 15.03 -13.70
CA LEU A 297 4.91 14.14 -13.06
C LEU A 297 5.02 14.26 -11.55
N LEU A 298 6.24 14.13 -11.04
CA LEU A 298 6.48 14.36 -9.62
C LEU A 298 5.80 15.60 -9.08
N SER A 299 5.94 16.70 -9.81
CA SER A 299 5.63 17.99 -9.23
C SER A 299 4.15 18.14 -9.27
N LYS A 300 3.48 17.17 -9.89
CA LYS A 300 2.03 17.18 -9.87
C LYS A 300 1.44 16.23 -8.86
N MET A 301 2.31 15.43 -8.26
CA MET A 301 1.87 14.45 -7.31
C MET A 301 2.25 14.86 -5.95
N LEU A 302 3.54 15.19 -5.80
CA LEU A 302 4.09 15.66 -4.57
C LEU A 302 3.60 17.09 -4.32
N VAL A 303 2.31 17.25 -4.02
CA VAL A 303 1.66 18.56 -3.91
C VAL A 303 0.81 18.49 -2.61
N ILE A 304 1.02 19.44 -1.71
CA ILE A 304 0.41 19.42 -0.40
C ILE A 304 -1.11 19.68 -0.52
N ASP A 305 -1.51 20.63 -1.36
CA ASP A 305 -2.95 20.92 -1.41
C ASP A 305 -3.64 19.93 -2.36
N ALA A 306 -4.42 19.02 -1.78
CA ALA A 306 -5.05 17.92 -2.54
C ALA A 306 -5.89 18.39 -3.73
N SER A 307 -6.47 19.57 -3.62
CA SER A 307 -7.31 20.05 -4.69
C SER A 307 -6.46 20.67 -5.81
N LYS A 308 -5.16 20.81 -5.62
CA LYS A 308 -4.26 21.12 -6.74
C LYS A 308 -3.43 19.87 -7.18
N ARG A 309 -3.62 18.73 -6.53
CA ARG A 309 -2.84 17.53 -6.82
C ARG A 309 -3.55 16.73 -7.85
N ILE A 310 -2.79 16.12 -8.73
CA ILE A 310 -3.34 15.33 -9.84
C ILE A 310 -4.11 14.06 -9.41
N SER A 311 -5.00 13.55 -10.24
CA SER A 311 -5.76 12.29 -9.90
C SER A 311 -5.03 11.01 -10.42
N VAL A 312 -5.55 9.81 -10.13
CA VAL A 312 -4.85 8.65 -10.70
C VAL A 312 -5.00 8.55 -12.23
N ASP A 313 -6.15 8.96 -12.74
CA ASP A 313 -6.35 9.04 -14.20
C ASP A 313 -5.37 10.02 -14.85
N GLU A 314 -5.20 11.23 -14.30
CA GLU A 314 -4.26 12.12 -14.98
C GLU A 314 -2.85 11.53 -14.88
N ALA A 315 -2.53 10.88 -13.78
CA ALA A 315 -1.16 10.38 -13.64
C ALA A 315 -0.97 9.22 -14.61
N LEU A 316 -1.99 8.39 -14.78
CA LEU A 316 -1.88 7.36 -15.77
C LEU A 316 -1.78 7.97 -17.16
N GLN A 317 -2.35 9.14 -17.32
CA GLN A 317 -2.43 9.73 -18.64
C GLN A 317 -1.19 10.49 -18.94
N HIS A 318 -0.30 10.59 -17.95
CA HIS A 318 0.88 11.44 -18.06
C HIS A 318 1.91 10.78 -18.90
N PRO A 319 2.58 11.58 -19.70
CA PRO A 319 3.55 11.04 -20.69
C PRO A 319 4.60 10.11 -20.13
N TYR A 320 5.01 10.36 -18.89
CA TYR A 320 6.08 9.53 -18.32
C TYR A 320 5.59 8.12 -17.98
N ILE A 321 4.30 8.02 -17.68
CA ILE A 321 3.65 6.79 -17.28
C ILE A 321 2.91 6.12 -18.45
N ASN A 322 2.43 6.91 -19.44
CA ASN A 322 1.41 6.39 -20.34
C ASN A 322 2.00 5.45 -21.38
N VAL A 323 3.32 5.40 -21.51
CA VAL A 323 3.88 4.43 -22.42
C VAL A 323 3.41 2.96 -22.20
N TRP A 324 2.94 2.61 -21.01
CA TRP A 324 2.63 1.21 -20.70
C TRP A 324 1.17 1.09 -20.73
N TYR A 325 0.50 2.16 -20.99
CA TYR A 325 -0.88 2.16 -20.65
C TYR A 325 -1.67 1.03 -21.35
N ASP A 326 -2.29 0.15 -20.58
CA ASP A 326 -3.12 -0.91 -21.17
C ASP A 326 -4.57 -0.94 -20.64
N PRO A 327 -5.54 -0.62 -21.49
CA PRO A 327 -6.92 -0.46 -21.02
C PRO A 327 -7.47 -1.69 -20.32
N SER A 328 -7.06 -2.85 -20.74
CA SER A 328 -7.52 -4.05 -20.06
C SER A 328 -6.87 -4.27 -18.67
N GLU A 329 -5.73 -3.61 -18.39
CA GLU A 329 -5.18 -3.60 -17.03
C GLU A 329 -5.91 -2.48 -16.27
N ALA A 330 -5.89 -1.30 -16.89
CA ALA A 330 -6.27 -0.05 -16.25
C ALA A 330 -7.79 0.14 -16.12
N GLU A 331 -8.58 -0.62 -16.88
CA GLU A 331 -10.03 -0.38 -16.92
C GLU A 331 -10.88 -1.63 -16.64
N ALA A 332 -10.44 -2.44 -15.68
CA ALA A 332 -11.10 -3.69 -15.31
C ALA A 332 -12.39 -3.36 -14.63
N PRO A 333 -13.32 -4.32 -14.62
CA PRO A 333 -14.59 -4.13 -13.89
C PRO A 333 -14.25 -3.86 -12.44
N PRO A 334 -14.96 -2.95 -11.78
CA PRO A 334 -14.66 -2.77 -10.35
C PRO A 334 -14.86 -4.01 -9.48
N PRO A 335 -14.05 -4.20 -8.44
CA PRO A 335 -14.51 -5.13 -7.40
C PRO A 335 -15.91 -4.72 -7.04
N LYS A 336 -16.80 -5.62 -6.64
CA LYS A 336 -18.04 -5.15 -5.99
C LYS A 336 -18.18 -5.55 -4.51
N ILE A 337 -18.34 -4.55 -3.62
CA ILE A 337 -18.60 -4.79 -2.19
C ILE A 337 -20.11 -4.90 -2.01
N PRO A 338 -20.59 -5.72 -1.07
CA PRO A 338 -21.99 -5.67 -0.65
C PRO A 338 -22.58 -4.30 -0.27
N ASP A 339 -21.71 -3.27 -0.14
CA ASP A 339 -22.03 -1.94 0.51
C ASP A 339 -23.13 -1.96 1.59
N LYS A 340 -23.76 -3.14 1.73
CA LYS A 340 -24.32 -3.64 3.00
C LYS A 340 -23.29 -3.43 4.12
N GLN A 341 -22.08 -3.96 3.91
CA GLN A 341 -20.92 -3.50 4.64
C GLN A 341 -20.56 -2.10 4.10
N LEU A 342 -20.80 -1.06 4.90
CA LEU A 342 -20.10 0.23 4.72
C LEU A 342 -19.28 0.43 5.99
N ASP A 343 -19.54 -0.44 6.96
CA ASP A 343 -18.69 -0.68 8.14
C ASP A 343 -18.09 0.50 8.91
N GLU A 344 -18.66 1.70 8.77
CA GLU A 344 -18.29 2.79 9.67
C GLU A 344 -18.88 2.51 11.05
N ARG A 345 -20.08 1.89 11.03
CA ARG A 345 -20.91 1.55 12.22
C ARG A 345 -20.21 0.83 13.38
N GLU A 346 -20.09 1.52 14.52
CA GLU A 346 -19.54 0.94 15.74
C GLU A 346 -20.30 -0.36 16.00
N HIS A 347 -19.58 -1.43 16.31
CA HIS A 347 -20.21 -2.66 16.80
C HIS A 347 -19.64 -2.96 18.15
N THR A 348 -20.06 -4.06 18.76
CA THR A 348 -19.45 -4.47 20.02
C THR A 348 -18.54 -5.69 19.90
N ILE A 349 -17.48 -5.70 20.72
CA ILE A 349 -16.61 -6.87 20.88
C ILE A 349 -17.26 -8.19 20.44
N GLU A 350 -18.39 -8.52 21.05
CA GLU A 350 -19.17 -9.73 20.76
C GLU A 350 -19.65 -9.86 19.29
N GLU A 351 -20.16 -8.78 18.72
CA GLU A 351 -20.75 -8.88 17.41
C GLU A 351 -19.66 -8.97 16.36
N TRP A 352 -18.54 -8.24 16.59
CA TRP A 352 -17.35 -8.31 15.73
C TRP A 352 -16.91 -9.71 15.57
N LYS A 353 -16.77 -10.40 16.71
CA LYS A 353 -16.37 -11.80 16.68
C LYS A 353 -17.29 -12.60 15.77
N GLU A 354 -18.57 -12.32 15.81
CA GLU A 354 -19.51 -13.10 15.03
C GLU A 354 -19.32 -12.77 13.54
N LEU A 355 -19.11 -11.47 13.27
CA LEU A 355 -19.01 -10.93 11.91
C LEU A 355 -17.81 -11.48 11.16
N ILE A 356 -16.65 -11.33 11.81
CA ILE A 356 -15.41 -11.92 11.36
C ILE A 356 -15.55 -13.45 11.23
N TYR A 357 -16.16 -14.11 12.22
CA TYR A 357 -16.28 -15.57 12.16
C TYR A 357 -17.02 -16.06 10.90
N LYS A 358 -18.16 -15.43 10.62
CA LYS A 358 -18.95 -15.77 9.44
C LYS A 358 -18.12 -15.45 8.20
N GLU A 359 -17.44 -14.30 8.24
CA GLU A 359 -16.61 -13.90 7.14
C GLU A 359 -15.54 -14.98 6.92
N VAL A 360 -14.96 -15.50 8.00
CA VAL A 360 -13.95 -16.53 7.81
C VAL A 360 -14.56 -17.81 7.31
N MET A 361 -15.71 -18.17 7.88
CA MET A 361 -16.35 -19.46 7.60
C MET A 361 -16.75 -19.54 6.14
N ASP A 362 -17.29 -18.42 5.68
CA ASP A 362 -17.62 -18.19 4.30
C ASP A 362 -16.45 -18.30 3.34
N LEU A 363 -15.28 -17.85 3.79
CA LEU A 363 -14.06 -17.87 2.99
C LEU A 363 -13.39 -19.25 2.92
N GLU A 364 -13.39 -19.95 4.05
CA GLU A 364 -12.78 -21.29 4.23
C GLU A 364 -13.22 -22.38 3.22
N HIS A 365 -12.25 -23.10 2.63
CA HIS A 365 -12.39 -23.91 1.39
C HIS A 365 -11.04 -24.07 0.66
N HIS A 366 -10.36 -25.15 1.06
CA HIS A 366 -8.98 -25.61 0.71
C HIS A 366 -8.17 -25.92 2.00
N HIS A 367 -7.49 -27.05 2.01
CA HIS A 367 -7.03 -27.65 3.23
C HIS A 367 -5.98 -28.62 2.81
N ARG B 1 6.37 0.62 -28.88
CA ARG B 1 7.73 1.19 -28.56
C ARG B 1 8.51 0.53 -27.34
N PRO B 2 8.48 1.05 -26.06
CA PRO B 2 9.47 0.31 -25.19
C PRO B 2 8.92 -0.96 -24.57
N LYS B 3 9.70 -2.02 -24.57
CA LYS B 3 9.30 -3.31 -23.94
C LYS B 3 9.20 -3.19 -22.42
N ARG B 4 8.10 -3.65 -21.82
CA ARG B 4 8.04 -3.85 -20.35
C ARG B 4 9.32 -4.55 -19.84
N PRO B 5 9.90 -4.05 -18.74
CA PRO B 5 11.03 -4.79 -18.20
C PRO B 5 10.59 -6.16 -17.67
N THR B 6 11.46 -7.14 -17.74
CA THR B 6 11.07 -8.49 -17.26
C THR B 6 12.03 -9.05 -16.23
N THR B 7 12.99 -8.23 -15.79
CA THR B 7 13.92 -8.66 -14.77
C THR B 7 14.10 -7.49 -13.86
N LEU B 8 14.42 -7.76 -12.60
CA LEU B 8 14.66 -6.74 -11.60
C LEU B 8 15.58 -7.46 -10.62
N ASN B 9 16.75 -6.92 -10.39
CA ASN B 9 17.74 -7.58 -9.58
C ASN B 9 17.53 -7.37 -8.09
N LEU B 10 17.26 -8.45 -7.36
CA LEU B 10 16.91 -8.34 -5.98
C LEU B 10 17.89 -9.10 -5.11
N PHE B 11 18.98 -9.54 -5.70
CA PHE B 11 20.04 -10.11 -4.88
C PHE B 11 20.76 -8.96 -4.16
#